data_3MVN
#
_entry.id   3MVN
#
_cell.length_a   46.996
_cell.length_b   46.996
_cell.length_c   106.628
_cell.angle_alpha   90.00
_cell.angle_beta   90.00
_cell.angle_gamma   90.00
#
_symmetry.space_group_name_H-M   'P 41 21 2'
#
loop_
_entity.id
_entity.type
_entity.pdbx_description
1 polymer 'UDP-N-acetylmuramate:L-alanyl-gamma-D-glutamyl-medo-diaminopimelate ligase'
2 water water
#
_entity_poly.entity_id   1
_entity_poly.type   'polypeptide(L)'
_entity_poly.pdbx_seq_one_letter_code
;(MSE)HHHHHHSSGVDLGTENLYFQSNAQRRLEVKGVVNNITVYDDFAHHPTAITATIDALRAKVGQQRILAVLEPRSNT
(MSE)K(MSE)GVHKHELATSLQDADSVFIYQPPTIEWQVSEVLANLAQPAISADDVDELV(MSE)RIVQQAKPNDHILI
(MSE)SNGAFGGIHQKLLTALAN
;
_entity_poly.pdbx_strand_id   A
#
# COMPACT_ATOMS: atom_id res chain seq x y z
N ARG A 27 -2.31 14.92 0.09
CA ARG A 27 -3.14 13.83 -0.53
C ARG A 27 -2.40 13.25 -1.74
N LEU A 28 -2.12 11.94 -1.70
CA LEU A 28 -1.43 11.26 -2.79
C LEU A 28 -0.19 12.04 -3.21
N GLU A 29 0.65 12.31 -2.22
CA GLU A 29 1.87 13.06 -2.46
C GLU A 29 2.85 12.11 -3.07
N VAL A 30 3.39 12.50 -4.22
CA VAL A 30 4.41 11.69 -4.88
C VAL A 30 5.75 11.90 -4.19
N LYS A 31 6.30 10.82 -3.63
CA LYS A 31 7.57 10.84 -2.91
C LYS A 31 8.75 10.54 -3.80
N GLY A 32 8.50 9.83 -4.89
CA GLY A 32 9.58 9.47 -5.82
C GLY A 32 9.12 8.50 -6.91
N VAL A 33 10.01 8.30 -7.88
CA VAL A 33 9.83 7.34 -8.97
C VAL A 33 11.17 6.65 -9.16
N VAL A 34 11.14 5.33 -9.09
CA VAL A 34 12.34 4.53 -9.31
C VAL A 34 11.96 3.38 -10.22
N ASN A 35 12.69 3.16 -11.31
CA ASN A 35 12.37 2.06 -12.26
C ASN A 35 10.91 2.14 -12.74
N ASN A 36 10.49 3.38 -13.00
CA ASN A 36 9.12 3.68 -13.42
C ASN A 36 8.04 3.24 -12.43
N ILE A 37 8.40 3.10 -11.16
CA ILE A 37 7.46 2.75 -10.11
C ILE A 37 7.29 3.98 -9.26
N THR A 38 6.04 4.46 -9.11
CA THR A 38 5.79 5.71 -8.37
C THR A 38 5.41 5.36 -6.94
N VAL A 39 6.02 6.07 -5.99
CA VAL A 39 5.79 5.86 -4.58
C VAL A 39 5.08 7.12 -4.05
N TYR A 40 3.93 6.90 -3.40
CA TYR A 40 3.08 7.95 -2.90
C TYR A 40 2.89 7.80 -1.40
N ASP A 41 2.71 8.92 -0.70
CA ASP A 41 2.28 8.87 0.72
C ASP A 41 0.89 9.46 0.87
N ASP A 42 0.06 8.87 1.71
CA ASP A 42 -1.25 9.47 2.02
C ASP A 42 -1.57 9.14 3.48
N PHE A 43 -2.29 10.03 4.15
CA PHE A 43 -2.62 9.85 5.55
C PHE A 43 -3.79 8.89 5.83
N ALA A 44 -4.52 8.44 4.81
CA ALA A 44 -5.73 7.67 5.00
C ALA A 44 -5.42 6.42 5.78
N HIS A 45 -6.24 6.12 6.77
CA HIS A 45 -6.08 4.87 7.51
C HIS A 45 -7.37 4.32 8.12
N HIS A 46 -8.51 4.92 7.79
CA HIS A 46 -9.83 4.39 8.15
C HIS A 46 -10.58 3.99 6.83
N PRO A 47 -11.46 2.97 6.89
CA PRO A 47 -12.10 2.48 5.65
C PRO A 47 -12.62 3.53 4.66
N THR A 48 -13.43 4.47 5.12
CA THR A 48 -13.97 5.52 4.24
C THR A 48 -12.86 6.33 3.52
N ALA A 49 -11.85 6.77 4.25
CA ALA A 49 -10.75 7.49 3.59
C ALA A 49 -9.89 6.58 2.70
N ILE A 50 -9.66 5.34 3.12
CA ILE A 50 -8.89 4.39 2.30
C ILE A 50 -9.59 4.19 0.94
N THR A 51 -10.90 4.00 1.01
CA THR A 51 -11.73 3.82 -0.20
C THR A 51 -11.59 5.00 -1.11
N ALA A 52 -11.76 6.21 -0.57
CA ALA A 52 -11.65 7.44 -1.36
C ALA A 52 -10.28 7.59 -2.00
N THR A 53 -9.24 7.31 -1.22
CA THR A 53 -7.88 7.47 -1.66
C THR A 53 -7.48 6.52 -2.80
N ILE A 54 -7.81 5.25 -2.68
CA ILE A 54 -7.58 4.29 -3.78
C ILE A 54 -8.39 4.70 -5.02
N ASP A 55 -9.63 5.13 -4.82
CA ASP A 55 -10.45 5.58 -5.95
C ASP A 55 -9.88 6.79 -6.65
N ALA A 56 -9.36 7.73 -5.88
CA ALA A 56 -8.76 8.93 -6.46
C ALA A 56 -7.51 8.56 -7.26
N LEU A 57 -6.75 7.58 -6.77
CA LEU A 57 -5.55 7.15 -7.47
C LEU A 57 -5.92 6.42 -8.75
N ARG A 58 -6.91 5.53 -8.66
CA ARG A 58 -7.41 4.76 -9.81
C ARG A 58 -7.85 5.66 -10.94
N ALA A 59 -8.51 6.75 -10.57
CA ALA A 59 -8.96 7.76 -11.52
C ALA A 59 -7.81 8.31 -12.37
N LYS A 60 -6.61 8.34 -11.81
CA LYS A 60 -5.41 8.86 -12.52
C LYS A 60 -4.59 7.77 -13.21
N VAL A 61 -4.51 6.57 -12.62
CA VAL A 61 -3.62 5.53 -13.11
C VAL A 61 -4.31 4.53 -14.03
N GLY A 62 -5.65 4.51 -14.04
CA GLY A 62 -6.41 3.68 -14.98
C GLY A 62 -6.07 2.25 -14.66
N GLN A 63 -5.76 1.46 -15.69
CA GLN A 63 -5.47 0.03 -15.47
C GLN A 63 -4.10 -0.33 -14.89
N GLN A 64 -3.25 0.67 -14.66
CA GLN A 64 -1.93 0.40 -14.04
C GLN A 64 -2.13 -0.02 -12.60
N ARG A 65 -1.20 -0.82 -12.08
CA ARG A 65 -1.39 -1.50 -10.84
C ARG A 65 -1.19 -0.58 -9.65
N ILE A 66 -2.11 -0.68 -8.70
CA ILE A 66 -2.02 -0.08 -7.37
C ILE A 66 -1.62 -1.15 -6.36
N LEU A 67 -0.46 -0.91 -5.72
CA LEU A 67 0.02 -1.74 -4.62
C LEU A 67 -0.26 -0.94 -3.33
N ALA A 68 -1.28 -1.34 -2.59
CA ALA A 68 -1.71 -0.60 -1.43
C ALA A 68 -0.97 -1.08 -0.21
N VAL A 69 -0.34 -0.17 0.53
CA VAL A 69 0.50 -0.50 1.71
C VAL A 69 -0.05 0.25 2.92
N LEU A 70 -0.66 -0.46 3.87
CA LEU A 70 -1.43 0.16 4.96
C LEU A 70 -0.82 -0.13 6.32
N GLU A 71 -0.72 0.93 7.12
CA GLU A 71 -0.47 0.79 8.53
C GLU A 71 -1.76 1.20 9.25
N PRO A 72 -2.50 0.22 9.77
CA PRO A 72 -3.70 0.54 10.56
C PRO A 72 -3.38 1.02 11.97
N ARG A 73 -4.35 1.73 12.57
CA ARG A 73 -4.31 2.13 13.99
C ARG A 73 -5.34 1.35 14.83
N LYS A 83 -13.48 -4.36 9.75
CA LYS A 83 -12.81 -5.63 9.39
C LYS A 83 -13.25 -6.15 8.03
N HIS A 84 -14.53 -6.48 7.89
CA HIS A 84 -15.11 -6.62 6.55
C HIS A 84 -15.17 -5.25 5.85
N GLU A 85 -15.52 -4.19 6.57
CA GLU A 85 -15.39 -2.85 6.00
C GLU A 85 -13.95 -2.52 5.57
N LEU A 86 -12.96 -2.91 6.35
CA LEU A 86 -11.58 -2.62 5.97
C LEU A 86 -11.23 -3.38 4.70
N ALA A 87 -11.54 -4.68 4.65
CA ALA A 87 -11.30 -5.45 3.43
C ALA A 87 -11.94 -4.80 2.20
N THR A 88 -13.22 -4.42 2.34
CA THR A 88 -13.94 -3.79 1.24
C THR A 88 -13.24 -2.54 0.78
N SER A 89 -12.67 -1.78 1.70
CA SER A 89 -11.99 -0.52 1.35
C SER A 89 -10.76 -0.77 0.50
N LEU A 90 -10.17 -1.96 0.62
CA LEU A 90 -8.94 -2.29 -0.08
C LEU A 90 -9.12 -3.08 -1.36
N GLN A 91 -10.37 -3.36 -1.72
CA GLN A 91 -10.66 -4.32 -2.76
C GLN A 91 -10.26 -3.96 -4.17
N ASP A 92 -10.13 -2.66 -4.49
CA ASP A 92 -9.74 -2.24 -5.78
C ASP A 92 -8.24 -2.34 -6.01
N ALA A 93 -7.46 -2.51 -4.94
CA ALA A 93 -5.99 -2.51 -5.10
C ALA A 93 -5.56 -3.83 -5.67
N ASP A 94 -4.66 -3.75 -6.64
CA ASP A 94 -4.15 -4.95 -7.34
C ASP A 94 -3.34 -5.90 -6.45
N SER A 95 -2.67 -5.35 -5.46
CA SER A 95 -1.97 -6.13 -4.43
C SER A 95 -2.00 -5.31 -3.14
N VAL A 96 -2.15 -6.01 -2.03
CA VAL A 96 -2.38 -5.42 -0.72
C VAL A 96 -1.30 -5.89 0.28
N PHE A 97 -0.76 -4.92 1.02
CA PHE A 97 0.25 -5.16 2.05
C PHE A 97 -0.18 -4.44 3.32
N ILE A 98 -0.27 -5.17 4.41
CA ILE A 98 -0.59 -4.57 5.70
C ILE A 98 0.48 -4.81 6.75
N TYR A 99 0.89 -3.73 7.41
CA TYR A 99 1.85 -3.81 8.50
C TYR A 99 1.08 -4.03 9.77
N GLN A 100 1.44 -5.05 10.54
CA GLN A 100 0.76 -5.28 11.82
C GLN A 100 1.69 -4.87 12.95
N PRO A 101 1.42 -3.72 13.55
CA PRO A 101 2.31 -3.13 14.54
C PRO A 101 2.07 -3.77 15.88
N TRP A 106 -5.86 -6.62 17.26
CA TRP A 106 -6.71 -7.43 16.39
C TRP A 106 -5.94 -8.06 15.21
N GLN A 107 -6.60 -9.03 14.58
CA GLN A 107 -5.96 -9.97 13.66
C GLN A 107 -6.15 -9.53 12.20
N VAL A 108 -5.02 -9.28 11.56
CA VAL A 108 -4.99 -8.82 10.18
C VAL A 108 -5.40 -9.93 9.19
N SER A 109 -5.18 -11.18 9.58
CA SER A 109 -5.47 -12.33 8.74
C SER A 109 -6.94 -12.41 8.39
N GLU A 110 -7.78 -11.96 9.31
CA GLU A 110 -9.20 -12.02 9.09
C GLU A 110 -9.57 -10.98 8.04
N VAL A 111 -8.89 -9.85 8.03
CA VAL A 111 -9.13 -8.85 6.99
C VAL A 111 -8.67 -9.37 5.62
N LEU A 112 -7.51 -9.97 5.56
CA LEU A 112 -6.97 -10.37 4.28
C LEU A 112 -7.66 -11.61 3.67
N ALA A 113 -8.25 -12.46 4.49
CA ALA A 113 -9.00 -13.61 4.00
C ALA A 113 -10.07 -13.25 2.96
N ASN A 114 -10.56 -12.03 2.97
CA ASN A 114 -11.64 -11.65 2.03
C ASN A 114 -11.13 -11.21 0.67
N LEU A 115 -9.83 -11.00 0.59
CA LEU A 115 -9.24 -10.46 -0.62
C LEU A 115 -8.60 -11.62 -1.36
N ALA A 116 -8.91 -11.79 -2.66
CA ALA A 116 -8.34 -12.91 -3.44
C ALA A 116 -7.19 -12.45 -4.37
N GLN A 117 -7.04 -11.15 -4.55
CA GLN A 117 -5.80 -10.64 -5.10
C GLN A 117 -4.67 -10.89 -4.09
N PRO A 118 -3.42 -10.78 -4.54
CA PRO A 118 -2.35 -10.97 -3.56
C PRO A 118 -2.51 -10.02 -2.38
N ALA A 119 -2.49 -10.61 -1.19
CA ALA A 119 -2.68 -9.87 0.05
C ALA A 119 -1.79 -10.48 1.11
N ILE A 120 -0.99 -9.63 1.73
CA ILE A 120 0.02 -10.10 2.69
C ILE A 120 0.15 -9.15 3.87
N SER A 121 0.43 -9.72 5.04
CA SER A 121 0.76 -8.89 6.22
C SER A 121 2.19 -9.17 6.66
N ALA A 122 2.83 -8.19 7.29
CA ALA A 122 4.16 -8.34 7.85
C ALA A 122 4.20 -7.58 9.17
N ASP A 123 4.99 -8.10 10.10
CA ASP A 123 5.12 -7.47 11.42
C ASP A 123 6.43 -6.71 11.60
N ASP A 124 7.12 -6.45 10.48
CA ASP A 124 8.41 -5.76 10.48
C ASP A 124 8.48 -4.94 9.21
N VAL A 125 8.89 -3.69 9.30
CA VAL A 125 8.89 -2.79 8.13
C VAL A 125 9.89 -3.22 7.03
N ASP A 126 11.09 -3.61 7.41
CA ASP A 126 12.05 -4.08 6.39
C ASP A 126 11.56 -5.32 5.66
N GLU A 127 10.95 -6.26 6.39
CA GLU A 127 10.32 -7.43 5.79
C GLU A 127 9.20 -7.04 4.83
N LEU A 128 8.35 -6.09 5.24
CA LEU A 128 7.29 -5.60 4.38
C LEU A 128 7.89 -4.98 3.10
N VAL A 129 8.98 -4.24 3.22
CA VAL A 129 9.66 -3.69 2.05
C VAL A 129 10.11 -4.82 1.10
N MSE A 130 10.64 -5.88 1.65
CA MSE A 130 11.02 -7.04 0.81
C MSE A 130 9.80 -7.62 0.11
O MSE A 130 9.87 -7.92 -1.08
CB MSE A 130 11.74 -8.13 1.63
CG MSE A 130 13.07 -7.66 2.16
SE MSE A 130 14.40 -7.35 0.77
CE MSE A 130 14.15 -5.43 0.51
N ARG A 131 8.69 -7.80 0.85
CA ARG A 131 7.47 -8.32 0.24
C ARG A 131 7.06 -7.46 -0.97
N ILE A 132 7.09 -6.14 -0.79
CA ILE A 132 6.73 -5.21 -1.87
C ILE A 132 7.65 -5.29 -3.08
N VAL A 133 8.96 -5.34 -2.82
CA VAL A 133 9.97 -5.36 -3.88
C VAL A 133 9.87 -6.64 -4.68
N GLN A 134 9.43 -7.70 -4.03
CA GLN A 134 9.28 -8.96 -4.71
C GLN A 134 8.15 -8.94 -5.74
N GLN A 135 7.15 -8.08 -5.57
CA GLN A 135 6.04 -8.01 -6.48
C GLN A 135 6.05 -6.80 -7.41
N ALA A 136 6.75 -5.74 -7.05
CA ALA A 136 6.64 -4.47 -7.77
C ALA A 136 7.33 -4.51 -9.12
N LYS A 137 6.66 -3.95 -10.13
CA LYS A 137 7.12 -3.96 -11.51
C LYS A 137 7.00 -2.54 -12.07
N PRO A 138 7.82 -2.18 -13.04
CA PRO A 138 7.68 -0.89 -13.73
C PRO A 138 6.25 -0.61 -14.10
N ASN A 139 5.87 0.64 -13.88
CA ASN A 139 4.54 1.19 -14.10
C ASN A 139 3.58 0.99 -12.90
N ASP A 140 4.01 0.30 -11.84
CA ASP A 140 3.21 0.18 -10.63
C ASP A 140 3.18 1.49 -9.85
N HIS A 141 2.18 1.57 -8.99
CA HIS A 141 1.93 2.69 -8.11
C HIS A 141 1.82 2.18 -6.68
N ILE A 142 2.85 2.50 -5.88
CA ILE A 142 2.92 2.02 -4.50
C ILE A 142 2.32 3.09 -3.60
N LEU A 143 1.17 2.78 -3.01
CA LEU A 143 0.42 3.77 -2.24
C LEU A 143 0.59 3.46 -0.75
N ILE A 144 1.30 4.33 -0.04
CA ILE A 144 1.62 4.12 1.35
C ILE A 144 0.64 4.93 2.21
N MSE A 145 -0.18 4.24 2.97
CA MSE A 145 -1.25 4.84 3.74
C MSE A 145 -0.97 4.67 5.23
O MSE A 145 -0.94 3.54 5.76
CB MSE A 145 -2.57 4.20 3.29
CG MSE A 145 -3.10 4.75 2.00
SE MSE A 145 -4.76 3.96 1.40
CE MSE A 145 -4.12 2.19 1.16
N SER A 146 -0.71 5.80 5.90
CA SER A 146 -0.37 5.86 7.35
C SER A 146 -0.36 7.28 7.76
N ASN A 147 -0.78 7.60 8.98
CA ASN A 147 -0.60 8.99 9.49
C ASN A 147 0.71 9.14 10.27
N GLY A 148 1.56 8.11 10.26
CA GLY A 148 2.87 8.16 10.89
C GLY A 148 4.03 7.92 9.94
N ALA A 149 5.22 7.79 10.51
CA ALA A 149 6.43 7.70 9.68
C ALA A 149 6.61 6.33 9.00
N PHE A 150 5.98 5.30 9.58
CA PHE A 150 5.98 3.94 9.00
C PHE A 150 7.42 3.50 8.76
N GLY A 151 8.29 3.81 9.73
CA GLY A 151 9.74 3.46 9.69
C GLY A 151 10.53 4.06 8.55
N GLY A 152 9.99 5.12 7.96
CA GLY A 152 10.54 5.67 6.75
C GLY A 152 10.42 4.76 5.55
N ILE A 153 9.29 4.08 5.41
CA ILE A 153 9.17 3.04 4.39
C ILE A 153 9.24 3.61 2.98
N HIS A 154 8.76 4.84 2.77
CA HIS A 154 8.89 5.41 1.44
C HIS A 154 10.35 5.57 1.00
N GLN A 155 11.23 6.00 1.90
N GLN A 155 11.21 6.00 1.93
CA GLN A 155 12.67 6.07 1.61
CA GLN A 155 12.66 6.09 1.69
C GLN A 155 13.28 4.70 1.45
C GLN A 155 13.26 4.73 1.47
N LYS A 156 12.86 3.78 2.30
CA LYS A 156 13.32 2.38 2.18
C LYS A 156 13.02 1.79 0.80
N LEU A 157 11.82 2.03 0.32
CA LEU A 157 11.41 1.58 -1.01
C LEU A 157 12.20 2.25 -2.14
N LEU A 158 12.35 3.56 -2.11
CA LEU A 158 13.11 4.25 -3.15
C LEU A 158 14.53 3.71 -3.23
N THR A 159 15.14 3.43 -2.08
CA THR A 159 16.43 2.77 -2.06
C THR A 159 16.36 1.34 -2.59
N ALA A 160 15.44 0.54 -2.08
CA ALA A 160 15.41 -0.89 -2.40
C ALA A 160 15.02 -1.15 -3.86
N LEU A 161 14.19 -0.29 -4.44
CA LEU A 161 13.74 -0.43 -5.84
C LEU A 161 14.78 -0.03 -6.89
N ALA A 162 15.96 0.42 -6.44
CA ALA A 162 17.08 0.74 -7.31
C ALA A 162 18.15 -0.35 -7.21
#